data_7JFM
#
_entry.id   7JFM
#
_cell.length_a   118.801
_cell.length_b   118.801
_cell.length_c   72.170
_cell.angle_alpha   90.000
_cell.angle_beta   90.000
_cell.angle_gamma   120.000
#
_symmetry.space_group_name_H-M   'P 62'
#
loop_
_entity.id
_entity.type
_entity.pdbx_description
1 polymer 'Interferon regulatory factor 3'
2 polymer 'CREB-binding protein'
3 water water
#
loop_
_entity_poly.entity_id
_entity_poly.type
_entity_poly.pdbx_seq_one_letter_code
_entity_poly.pdbx_strand_id
1 'polypeptide(L)'
;SEFENPLKQLLAEEQWEFEVTAFYRGRQVFQQTLFCPGGLRLVGSTADMTLPWQPVTLPDPEGFLTDKLVKEYVGQVLKG
LGNGLALWQAGQCLWAQRLGHSHAFWALGEELLPDSGRGPDGEVHKDKDGAVFDLRPFVADLIAFMEGSGHSPRYTLWFC
MGEMWPQDQPWVKRLVMVKVVPTCLKELLEMAREGGAS(SEP)LKTVDLHISNS
;
A,B
2 'polypeptide(L)' SALQDLLRTLKSPSSPQQQQQVLNILKSNPQLMAAFIKQRTAKYVAN C,D
#
# COMPACT_ATOMS: atom_id res chain seq x y z
N LEU A 11 -35.94 -6.21 5.28
CA LEU A 11 -34.54 -6.28 4.88
C LEU A 11 -33.64 -5.54 5.86
N ALA A 12 -32.40 -5.28 5.44
CA ALA A 12 -31.46 -4.55 6.26
C ALA A 12 -31.63 -3.05 6.08
N GLU A 13 -31.02 -2.30 6.99
CA GLU A 13 -31.09 -0.85 6.96
C GLU A 13 -29.89 -0.27 7.69
N GLU A 14 -29.65 1.02 7.46
CA GLU A 14 -28.56 1.76 8.12
C GLU A 14 -27.20 1.12 7.83
N GLN A 15 -26.96 0.81 6.56
CA GLN A 15 -25.68 0.27 6.16
C GLN A 15 -24.62 1.37 6.06
N TRP A 16 -23.36 0.96 6.11
CA TRP A 16 -22.24 1.89 6.07
C TRP A 16 -21.55 1.84 4.71
N GLU A 17 -21.04 2.99 4.30
CA GLU A 17 -20.27 3.08 3.06
C GLU A 17 -18.85 2.56 3.29
N PHE A 18 -18.39 1.71 2.38
CA PHE A 18 -17.09 1.08 2.49
C PHE A 18 -16.21 1.45 1.30
N GLU A 19 -14.92 1.66 1.58
CA GLU A 19 -13.90 1.77 0.54
C GLU A 19 -13.21 0.41 0.46
N VAL A 20 -13.48 -0.32 -0.63
CA VAL A 20 -12.94 -1.66 -0.82
C VAL A 20 -11.73 -1.59 -1.74
N THR A 21 -10.65 -2.23 -1.34
CA THR A 21 -9.43 -2.29 -2.13
C THR A 21 -8.92 -3.73 -2.15
N ALA A 22 -8.52 -4.20 -3.33
CA ALA A 22 -8.06 -5.57 -3.52
C ALA A 22 -6.64 -5.58 -4.04
N PHE A 23 -5.84 -6.53 -3.54
CA PHE A 23 -4.44 -6.67 -3.90
C PHE A 23 -4.18 -8.08 -4.38
N TYR A 24 -3.64 -8.21 -5.59
CA TYR A 24 -3.22 -9.50 -6.13
C TYR A 24 -1.70 -9.56 -6.10
N ARG A 25 -1.16 -10.39 -5.20
CA ARG A 25 0.29 -10.56 -5.06
C ARG A 25 0.96 -9.21 -4.81
N GLY A 26 0.42 -8.46 -3.85
CA GLY A 26 0.99 -7.18 -3.49
C GLY A 26 0.86 -6.11 -4.55
N ARG A 27 -0.15 -6.20 -5.40
CA ARG A 27 -0.39 -5.22 -6.46
C ARG A 27 -1.84 -4.78 -6.39
N GLN A 28 -2.07 -3.48 -6.24
CA GLN A 28 -3.42 -2.96 -6.13
C GLN A 28 -4.12 -3.04 -7.47
N VAL A 29 -5.23 -3.79 -7.52
CA VAL A 29 -5.95 -4.04 -8.75
C VAL A 29 -7.38 -3.51 -8.73
N PHE A 30 -7.86 -3.04 -7.58
CA PHE A 30 -9.25 -2.63 -7.45
C PHE A 30 -9.37 -1.66 -6.29
N GLN A 31 -10.07 -0.56 -6.50
CA GLN A 31 -10.37 0.38 -5.42
C GLN A 31 -11.63 1.15 -5.79
N GLN A 32 -12.71 0.95 -5.04
CA GLN A 32 -13.96 1.61 -5.28
C GLN A 32 -14.63 1.96 -3.96
N THR A 33 -15.31 3.10 -3.94
CA THR A 33 -16.10 3.53 -2.78
C THR A 33 -17.54 3.09 -3.01
N LEU A 34 -17.98 2.10 -2.23
CA LEU A 34 -19.27 1.45 -2.44
C LEU A 34 -20.22 1.78 -1.31
N PHE A 35 -21.45 2.16 -1.67
CA PHE A 35 -22.54 2.34 -0.71
C PHE A 35 -23.66 1.38 -1.13
N CYS A 36 -23.71 0.23 -0.48
CA CYS A 36 -24.68 -0.81 -0.81
C CYS A 36 -25.71 -0.93 0.32
N PRO A 37 -26.88 -0.28 0.20
CA PRO A 37 -27.84 -0.34 1.31
C PRO A 37 -28.47 -1.71 1.51
N GLY A 38 -28.41 -2.59 0.52
CA GLY A 38 -28.92 -3.94 0.68
C GLY A 38 -27.82 -4.96 0.86
N GLY A 39 -26.69 -4.53 1.41
CA GLY A 39 -25.55 -5.40 1.60
C GLY A 39 -24.80 -5.65 0.31
N LEU A 40 -23.57 -6.18 0.42
CA LEU A 40 -22.74 -6.41 -0.75
C LEU A 40 -22.10 -7.79 -0.64
N ARG A 41 -21.75 -8.35 -1.80
CA ARG A 41 -21.05 -9.62 -1.90
C ARG A 41 -19.86 -9.46 -2.83
N LEU A 42 -18.66 -9.71 -2.32
CA LEU A 42 -17.44 -9.64 -3.13
C LEU A 42 -17.27 -10.96 -3.87
N VAL A 43 -17.47 -10.94 -5.17
CA VAL A 43 -17.44 -12.15 -5.98
C VAL A 43 -16.20 -12.12 -6.88
N GLY A 44 -15.88 -13.28 -7.44
CA GLY A 44 -14.70 -13.43 -8.27
C GLY A 44 -14.98 -13.38 -9.75
N SER A 45 -16.24 -13.51 -10.14
CA SER A 45 -16.65 -13.44 -11.54
C SER A 45 -17.84 -12.51 -11.68
N THR A 46 -18.23 -12.26 -12.92
CA THR A 46 -19.39 -11.40 -13.21
C THR A 46 -20.65 -12.12 -12.74
N ALA A 47 -21.19 -11.69 -11.61
CA ALA A 47 -22.41 -12.27 -11.05
C ALA A 47 -23.62 -11.45 -11.47
N ASP A 48 -24.79 -12.08 -11.36
CA ASP A 48 -26.03 -11.40 -11.73
C ASP A 48 -26.40 -10.37 -10.67
N MET A 49 -26.88 -9.21 -11.13
CA MET A 49 -27.23 -8.11 -10.23
C MET A 49 -28.41 -8.52 -9.36
N THR A 50 -28.17 -8.68 -8.07
CA THR A 50 -29.19 -9.10 -7.12
C THR A 50 -29.24 -8.14 -5.94
N LEU A 51 -30.44 -7.65 -5.63
CA LEU A 51 -30.69 -6.88 -4.43
C LEU A 51 -31.71 -7.60 -3.57
N PRO A 52 -31.44 -7.82 -2.27
CA PRO A 52 -30.26 -7.39 -1.52
C PRO A 52 -28.98 -8.15 -1.88
N TRP A 53 -27.90 -7.84 -1.17
CA TRP A 53 -26.58 -8.44 -1.38
C TRP A 53 -26.08 -8.18 -2.80
N GLN A 54 -25.67 -6.93 -3.00
CA GLN A 54 -25.19 -6.50 -4.30
C GLN A 54 -23.84 -7.14 -4.62
N PRO A 55 -23.71 -7.85 -5.74
CA PRO A 55 -22.43 -8.47 -6.08
C PRO A 55 -21.41 -7.42 -6.53
N VAL A 56 -20.20 -7.52 -5.99
CA VAL A 56 -19.10 -6.63 -6.34
C VAL A 56 -17.99 -7.50 -6.94
N THR A 57 -17.74 -7.33 -8.23
CA THR A 57 -16.87 -8.24 -8.98
C THR A 57 -15.42 -7.79 -8.85
N LEU A 58 -14.58 -8.68 -8.31
CA LEU A 58 -13.14 -8.45 -8.32
C LEU A 58 -12.59 -8.71 -9.73
N PRO A 59 -11.53 -8.00 -10.11
CA PRO A 59 -11.09 -8.05 -11.52
C PRO A 59 -10.38 -9.36 -11.85
N ASP A 60 -10.43 -9.69 -13.13
CA ASP A 60 -9.64 -10.79 -13.68
C ASP A 60 -8.16 -10.46 -13.54
N PRO A 61 -7.36 -11.31 -12.89
CA PRO A 61 -5.92 -11.02 -12.76
C PRO A 61 -5.16 -11.02 -14.08
N GLU A 62 -5.81 -11.29 -15.21
CA GLU A 62 -5.10 -11.32 -16.48
C GLU A 62 -4.62 -9.92 -16.86
N GLY A 63 -5.42 -8.90 -16.60
CA GLY A 63 -5.06 -7.54 -16.96
C GLY A 63 -4.19 -6.80 -15.98
N PHE A 64 -3.76 -7.45 -14.90
CA PHE A 64 -2.93 -6.80 -13.90
C PHE A 64 -1.67 -7.55 -13.54
N LEU A 65 -1.60 -8.86 -13.78
CA LEU A 65 -0.44 -9.66 -13.44
C LEU A 65 0.12 -10.34 -14.69
N THR A 66 1.41 -10.66 -14.63
CA THR A 66 2.08 -11.37 -15.71
C THR A 66 2.71 -12.68 -15.26
N ASP A 67 2.84 -12.92 -13.96
CA ASP A 67 3.30 -14.21 -13.46
C ASP A 67 2.20 -15.24 -13.70
N LYS A 68 2.48 -16.22 -14.57
CA LYS A 68 1.45 -17.19 -14.96
C LYS A 68 0.98 -18.01 -13.76
N LEU A 69 1.93 -18.49 -12.95
CA LEU A 69 1.55 -19.31 -11.80
C LEU A 69 0.75 -18.51 -10.79
N VAL A 70 1.18 -17.28 -10.51
CA VAL A 70 0.41 -16.42 -9.60
C VAL A 70 -0.95 -16.11 -10.20
N LYS A 71 -1.00 -15.90 -11.52
CA LYS A 71 -2.25 -15.57 -12.18
C LYS A 71 -3.23 -16.74 -12.11
N GLU A 72 -2.73 -17.97 -12.22
CA GLU A 72 -3.59 -19.14 -12.16
C GLU A 72 -4.12 -19.37 -10.75
N TYR A 73 -3.28 -19.17 -9.74
CA TYR A 73 -3.69 -19.43 -8.37
C TYR A 73 -4.58 -18.31 -7.82
N VAL A 74 -4.35 -17.06 -8.25
CA VAL A 74 -5.28 -15.99 -7.90
C VAL A 74 -6.66 -16.28 -8.48
N GLY A 75 -6.70 -16.71 -9.74
CA GLY A 75 -7.96 -17.12 -10.33
C GLY A 75 -8.59 -18.29 -9.62
N GLN A 76 -7.76 -19.18 -9.05
CA GLN A 76 -8.31 -20.29 -8.27
C GLN A 76 -8.95 -19.78 -6.99
N VAL A 77 -8.36 -18.75 -6.37
CA VAL A 77 -8.96 -18.16 -5.17
C VAL A 77 -10.25 -17.43 -5.52
N LEU A 78 -10.24 -16.69 -6.63
CA LEU A 78 -11.46 -15.98 -7.05
C LEU A 78 -12.58 -16.95 -7.40
N LYS A 79 -12.25 -18.11 -7.96
CA LYS A 79 -13.26 -19.13 -8.20
C LYS A 79 -13.87 -19.62 -6.90
N GLY A 80 -13.05 -19.78 -5.86
CA GLY A 80 -13.52 -20.24 -4.57
C GLY A 80 -14.40 -19.24 -3.83
N LEU A 81 -14.55 -18.03 -4.35
CA LEU A 81 -15.44 -17.06 -3.73
C LEU A 81 -16.90 -17.48 -3.82
N GLY A 82 -17.27 -18.18 -4.90
CA GLY A 82 -18.63 -18.64 -5.03
C GLY A 82 -19.60 -17.49 -5.08
N ASN A 83 -20.66 -17.57 -4.27
CA ASN A 83 -21.64 -16.50 -4.19
C ASN A 83 -21.07 -15.22 -3.58
N GLY A 84 -19.86 -15.26 -3.03
CA GLY A 84 -19.16 -14.07 -2.61
C GLY A 84 -19.01 -14.00 -1.10
N LEU A 85 -18.20 -13.02 -0.68
CA LEU A 85 -18.01 -12.72 0.73
C LEU A 85 -19.00 -11.63 1.13
N ALA A 86 -20.02 -12.01 1.88
CA ALA A 86 -21.08 -11.08 2.27
C ALA A 86 -20.59 -10.16 3.39
N LEU A 87 -20.83 -8.87 3.22
CA LEU A 87 -20.49 -7.87 4.23
C LEU A 87 -21.73 -7.03 4.51
N TRP A 88 -22.08 -6.88 5.79
CA TRP A 88 -23.26 -6.10 6.14
C TRP A 88 -23.12 -5.58 7.56
N GLN A 89 -23.88 -4.52 7.84
CA GLN A 89 -23.95 -3.90 9.16
C GLN A 89 -25.25 -4.30 9.83
N ALA A 90 -25.16 -4.66 11.11
CA ALA A 90 -26.35 -5.06 11.87
C ALA A 90 -26.04 -4.94 13.35
N GLY A 91 -26.82 -4.12 14.06
CA GLY A 91 -26.68 -3.98 15.50
C GLY A 91 -25.34 -3.42 15.94
N GLN A 92 -25.00 -2.23 15.45
CA GLN A 92 -23.78 -1.52 15.83
C GLN A 92 -22.51 -2.32 15.54
N CYS A 93 -22.58 -3.29 14.64
CA CYS A 93 -21.46 -4.18 14.38
C CYS A 93 -21.39 -4.49 12.89
N LEU A 94 -20.21 -4.94 12.46
CA LEU A 94 -19.97 -5.37 11.09
C LEU A 94 -19.82 -6.89 11.05
N TRP A 95 -20.30 -7.49 9.97
CA TRP A 95 -20.35 -8.94 9.85
C TRP A 95 -19.79 -9.37 8.51
N ALA A 96 -19.24 -10.59 8.47
CA ALA A 96 -18.69 -11.17 7.26
C ALA A 96 -19.03 -12.65 7.20
N GLN A 97 -19.46 -13.10 6.02
CA GLN A 97 -19.81 -14.50 5.80
C GLN A 97 -19.34 -14.92 4.42
N ARG A 98 -18.56 -15.99 4.36
CA ARG A 98 -18.10 -16.54 3.09
C ARG A 98 -19.14 -17.52 2.57
N LEU A 99 -19.59 -17.30 1.33
CA LEU A 99 -20.59 -18.15 0.69
C LEU A 99 -19.97 -19.14 -0.27
N GLY A 100 -18.65 -19.18 -0.39
CA GLY A 100 -17.98 -20.09 -1.29
C GLY A 100 -17.10 -21.10 -0.57
N HIS A 101 -16.21 -21.75 -1.33
CA HIS A 101 -15.34 -22.77 -0.76
C HIS A 101 -14.04 -22.21 -0.19
N SER A 102 -13.57 -21.08 -0.70
CA SER A 102 -12.31 -20.51 -0.25
C SER A 102 -12.47 -19.94 1.16
N HIS A 103 -11.66 -20.44 2.10
CA HIS A 103 -11.67 -19.90 3.45
C HIS A 103 -11.13 -18.48 3.47
N ALA A 104 -11.42 -17.76 4.54
CA ALA A 104 -11.01 -16.37 4.66
C ALA A 104 -10.69 -16.06 6.11
N PHE A 105 -9.60 -15.33 6.33
CA PHE A 105 -9.17 -14.89 7.64
C PHE A 105 -9.11 -13.38 7.68
N TRP A 106 -9.49 -12.79 8.80
CA TRP A 106 -9.62 -11.34 8.92
C TRP A 106 -8.87 -10.85 10.14
N ALA A 107 -8.58 -9.54 10.14
CA ALA A 107 -7.92 -8.86 11.24
C ALA A 107 -7.98 -7.36 10.99
N LEU A 108 -7.91 -6.58 12.06
CA LEU A 108 -7.81 -5.14 11.94
C LEU A 108 -6.35 -4.73 11.76
N GLY A 109 -6.14 -3.61 11.08
CA GLY A 109 -4.80 -3.15 10.83
C GLY A 109 -4.78 -1.73 10.32
N GLU A 110 -3.68 -1.38 9.67
CA GLU A 110 -3.50 -0.06 9.10
C GLU A 110 -4.06 -0.01 7.67
N GLU A 111 -4.15 1.20 7.13
CA GLU A 111 -4.77 1.38 5.82
C GLU A 111 -3.86 0.93 4.68
N LEU A 112 -2.54 0.89 4.90
CA LEU A 112 -1.61 0.42 3.89
C LEU A 112 -0.75 -0.75 4.37
N LEU A 113 -1.11 -1.38 5.48
CA LEU A 113 -0.28 -2.45 6.02
C LEU A 113 -1.05 -3.31 7.01
N PRO A 114 -1.37 -4.55 6.66
CA PRO A 114 -1.85 -5.50 7.67
C PRO A 114 -0.72 -6.02 8.52
N ASP A 115 -1.04 -6.35 9.77
CA ASP A 115 -0.03 -6.81 10.72
C ASP A 115 0.33 -8.26 10.44
N SER A 116 1.60 -8.50 10.10
CA SER A 116 2.09 -9.84 9.85
C SER A 116 2.80 -10.45 11.06
N GLY A 117 3.06 -9.66 12.11
CA GLY A 117 3.68 -10.19 13.31
C GLY A 117 2.76 -10.97 14.21
N ARG A 118 1.44 -10.85 14.01
CA ARG A 118 0.46 -11.56 14.81
C ARG A 118 -0.50 -12.31 13.88
N GLY A 119 -1.27 -13.22 14.48
CA GLY A 119 -2.25 -13.97 13.74
C GLY A 119 -3.49 -13.15 13.45
N PRO A 120 -4.45 -13.79 12.78
CA PRO A 120 -5.71 -13.10 12.50
C PRO A 120 -6.58 -13.00 13.74
N ASP A 121 -7.43 -11.98 13.76
CA ASP A 121 -8.39 -11.83 14.85
C ASP A 121 -9.44 -12.93 14.83
N GLY A 122 -9.62 -13.60 13.69
CA GLY A 122 -10.56 -14.69 13.61
C GLY A 122 -10.67 -15.19 12.19
N GLU A 123 -11.59 -16.14 12.00
CA GLU A 123 -11.87 -16.70 10.68
C GLU A 123 -13.29 -16.33 10.27
N VAL A 124 -13.47 -16.05 8.98
CA VAL A 124 -14.78 -15.67 8.47
C VAL A 124 -15.73 -16.85 8.62
N HIS A 125 -16.85 -16.63 9.31
CA HIS A 125 -17.81 -17.69 9.57
C HIS A 125 -18.58 -18.04 8.30
N LYS A 126 -18.87 -19.33 8.13
CA LYS A 126 -19.78 -19.76 7.07
C LYS A 126 -21.22 -19.45 7.43
N ASP A 127 -21.54 -19.32 8.71
CA ASP A 127 -22.88 -18.95 9.16
C ASP A 127 -23.08 -17.44 9.10
N LYS A 128 -24.09 -16.94 9.80
CA LYS A 128 -24.42 -15.52 9.80
C LYS A 128 -24.04 -14.83 11.10
N ASP A 129 -23.33 -15.51 12.00
CA ASP A 129 -22.92 -14.95 13.28
C ASP A 129 -21.44 -14.59 13.30
N GLY A 130 -20.88 -14.25 12.14
CA GLY A 130 -19.47 -13.91 12.05
C GLY A 130 -19.22 -12.41 12.15
N ALA A 131 -19.08 -11.90 13.37
CA ALA A 131 -18.85 -10.48 13.57
C ALA A 131 -17.36 -10.16 13.39
N VAL A 132 -17.07 -9.15 12.57
CA VAL A 132 -15.70 -8.74 12.31
C VAL A 132 -15.37 -7.38 12.89
N PHE A 133 -16.35 -6.65 13.41
CA PHE A 133 -16.10 -5.34 13.99
C PHE A 133 -17.21 -5.00 14.97
N ASP A 134 -16.84 -4.35 16.07
CA ASP A 134 -17.80 -3.87 17.06
C ASP A 134 -17.55 -2.39 17.30
N LEU A 135 -18.62 -1.60 17.30
CA LEU A 135 -18.47 -0.16 17.49
C LEU A 135 -18.19 0.22 18.94
N ARG A 136 -18.54 -0.64 19.89
CA ARG A 136 -18.29 -0.34 21.29
C ARG A 136 -16.81 -0.13 21.59
N PRO A 137 -15.89 -1.04 21.23
CA PRO A 137 -14.47 -0.77 21.50
C PRO A 137 -13.93 0.38 20.66
N PHE A 138 -14.48 0.62 19.48
CA PHE A 138 -14.02 1.73 18.66
C PHE A 138 -14.35 3.07 19.32
N VAL A 139 -15.57 3.22 19.83
CA VAL A 139 -15.95 4.44 20.51
C VAL A 139 -15.13 4.62 21.78
N ALA A 140 -14.93 3.54 22.54
CA ALA A 140 -14.16 3.63 23.78
C ALA A 140 -12.71 3.98 23.51
N ASP A 141 -12.11 3.40 22.47
CA ASP A 141 -10.74 3.74 22.14
C ASP A 141 -10.63 5.14 21.55
N LEU A 142 -11.63 5.56 20.78
CA LEU A 142 -11.61 6.91 20.22
C LEU A 142 -11.72 7.97 21.31
N ILE A 143 -12.52 7.70 22.34
CA ILE A 143 -12.60 8.62 23.47
C ILE A 143 -11.26 8.69 24.19
N ALA A 144 -10.68 7.53 24.50
CA ALA A 144 -9.37 7.51 25.15
C ALA A 144 -8.29 8.12 24.26
N PHE A 145 -8.43 7.99 22.94
CA PHE A 145 -7.48 8.61 22.03
C PHE A 145 -7.52 10.12 22.13
N MET A 146 -8.71 10.69 22.28
CA MET A 146 -8.86 12.13 22.47
C MET A 146 -8.46 12.58 23.87
N GLU A 147 -8.26 11.64 24.80
CA GLU A 147 -7.82 11.98 26.15
C GLU A 147 -6.31 11.89 26.32
N GLY A 148 -5.58 11.42 25.32
CA GLY A 148 -4.14 11.37 25.39
C GLY A 148 -3.56 9.98 25.57
N SER A 149 -4.24 8.96 25.03
CA SER A 149 -3.74 7.60 25.13
C SER A 149 -2.64 7.29 24.12
N GLY A 150 -2.51 8.11 23.07
CA GLY A 150 -1.53 7.85 22.03
C GLY A 150 -1.87 6.70 21.11
N HIS A 151 -3.00 6.03 21.31
CA HIS A 151 -3.42 4.90 20.49
C HIS A 151 -4.72 5.27 19.79
N SER A 152 -4.68 5.35 18.46
CA SER A 152 -5.90 5.63 17.72
C SER A 152 -6.67 4.34 17.47
N PRO A 153 -8.00 4.39 17.49
CA PRO A 153 -8.78 3.18 17.25
C PRO A 153 -8.62 2.70 15.81
N ARG A 154 -8.52 1.39 15.65
CA ARG A 154 -8.36 0.80 14.33
C ARG A 154 -9.71 0.67 13.62
N TYR A 155 -9.69 0.94 12.31
CA TYR A 155 -10.90 0.89 11.50
C TYR A 155 -10.73 0.10 10.20
N THR A 156 -9.51 -0.22 9.80
CA THR A 156 -9.26 -0.90 8.54
C THR A 156 -9.40 -2.41 8.74
N LEU A 157 -10.30 -3.04 8.00
CA LEU A 157 -10.51 -4.48 8.05
C LEU A 157 -9.81 -5.14 6.87
N TRP A 158 -8.92 -6.08 7.17
CA TRP A 158 -8.18 -6.83 6.16
C TRP A 158 -8.74 -8.24 6.06
N PHE A 159 -8.85 -8.73 4.83
CA PHE A 159 -9.31 -10.09 4.56
C PHE A 159 -8.29 -10.81 3.70
N CYS A 160 -7.84 -11.98 4.17
CA CYS A 160 -6.94 -12.84 3.41
C CYS A 160 -7.77 -13.98 2.84
N MET A 161 -7.90 -14.02 1.52
CA MET A 161 -8.79 -14.97 0.84
C MET A 161 -7.99 -16.15 0.31
N GLY A 162 -8.47 -17.36 0.60
CA GLY A 162 -7.93 -18.57 0.03
C GLY A 162 -6.69 -19.12 0.70
N GLU A 163 -5.96 -18.31 1.46
CA GLU A 163 -4.74 -18.77 2.12
C GLU A 163 -4.80 -18.46 3.61
N MET A 164 -3.85 -19.01 4.35
CA MET A 164 -3.71 -18.70 5.76
C MET A 164 -3.27 -17.24 5.92
N TRP A 165 -3.50 -16.70 7.10
CA TRP A 165 -3.09 -15.34 7.39
C TRP A 165 -1.56 -15.25 7.35
N PRO A 166 -0.99 -14.24 6.69
CA PRO A 166 0.46 -14.19 6.55
C PRO A 166 1.18 -13.81 7.84
N GLN A 167 1.41 -14.79 8.71
CA GLN A 167 2.19 -14.57 9.91
C GLN A 167 3.68 -14.70 9.60
N ASP A 168 4.46 -13.70 10.01
CA ASP A 168 5.91 -13.66 9.79
C ASP A 168 6.27 -13.87 8.32
N GLN A 169 5.41 -13.37 7.43
CA GLN A 169 5.60 -13.50 5.99
C GLN A 169 5.07 -12.23 5.35
N PRO A 170 5.76 -11.70 4.34
CA PRO A 170 5.31 -10.47 3.68
C PRO A 170 3.89 -10.61 3.14
N TRP A 171 3.01 -9.71 3.57
CA TRP A 171 1.61 -9.78 3.15
C TRP A 171 1.46 -9.61 1.65
N VAL A 172 2.43 -8.94 1.01
CA VAL A 172 2.39 -8.75 -0.44
C VAL A 172 2.58 -10.05 -1.21
N LYS A 173 2.98 -11.13 -0.53
CA LYS A 173 3.09 -12.42 -1.19
C LYS A 173 1.76 -13.17 -1.27
N ARG A 174 0.75 -12.72 -0.52
CA ARG A 174 -0.54 -13.38 -0.54
C ARG A 174 -1.24 -13.18 -1.88
N LEU A 175 -2.02 -14.18 -2.28
CA LEU A 175 -2.65 -14.16 -3.60
C LEU A 175 -3.74 -13.10 -3.67
N VAL A 176 -4.66 -13.08 -2.70
CA VAL A 176 -5.78 -12.15 -2.70
C VAL A 176 -5.91 -11.56 -1.31
N MET A 177 -5.63 -10.26 -1.18
CA MET A 177 -5.87 -9.50 0.03
C MET A 177 -6.89 -8.42 -0.27
N VAL A 178 -7.93 -8.32 0.54
CA VAL A 178 -8.98 -7.32 0.37
C VAL A 178 -8.99 -6.43 1.60
N LYS A 179 -9.02 -5.12 1.38
CA LYS A 179 -9.09 -4.13 2.45
C LYS A 179 -10.45 -3.46 2.43
N VAL A 180 -11.13 -3.45 3.57
CA VAL A 180 -12.43 -2.83 3.72
C VAL A 180 -12.32 -1.73 4.78
N VAL A 181 -12.65 -0.51 4.39
CA VAL A 181 -12.56 0.64 5.30
C VAL A 181 -13.92 1.32 5.40
N PRO A 182 -14.60 1.23 6.54
CA PRO A 182 -15.84 2.01 6.73
C PRO A 182 -15.52 3.50 6.78
N THR A 183 -16.09 4.25 5.83
CA THR A 183 -15.74 5.67 5.71
C THR A 183 -16.22 6.48 6.91
N CYS A 184 -17.31 6.07 7.55
CA CYS A 184 -17.79 6.81 8.71
C CYS A 184 -16.85 6.69 9.90
N LEU A 185 -16.14 5.57 10.01
CA LEU A 185 -15.18 5.39 11.09
C LEU A 185 -13.89 6.17 10.82
N LYS A 186 -13.40 6.13 9.58
CA LYS A 186 -12.21 6.89 9.23
C LYS A 186 -12.43 8.39 9.43
N GLU A 187 -13.62 8.87 9.06
CA GLU A 187 -13.93 10.28 9.23
C GLU A 187 -13.99 10.66 10.71
N LEU A 188 -14.50 9.75 11.56
CA LEU A 188 -14.53 10.03 12.99
C LEU A 188 -13.13 10.13 13.57
N LEU A 189 -12.18 9.35 13.04
CA LEU A 189 -10.80 9.45 13.50
C LEU A 189 -10.14 10.72 12.97
N GLU A 190 -10.47 11.13 11.74
CA GLU A 190 -9.96 12.39 11.22
C GLU A 190 -10.51 13.58 11.99
N MET A 191 -11.71 13.44 12.56
CA MET A 191 -12.26 14.50 13.41
C MET A 191 -11.51 14.59 14.73
N ALA A 192 -11.11 13.45 15.30
CA ALA A 192 -10.35 13.46 16.54
C ALA A 192 -8.95 14.03 16.34
N ARG A 193 -8.31 13.67 15.23
CA ARG A 193 -6.99 14.23 14.93
C ARG A 193 -7.08 15.72 14.62
N GLU A 194 -8.19 16.17 14.02
CA GLU A 194 -8.38 17.59 13.79
C GLU A 194 -8.62 18.36 15.08
N GLY A 195 -9.11 17.69 16.12
CA GLY A 195 -9.34 18.35 17.40
C GLY A 195 -8.11 18.51 18.27
N GLY A 196 -6.98 17.96 17.87
CA GLY A 196 -5.74 18.08 18.62
C GLY A 196 -5.14 16.76 19.10
N ALA A 197 -5.81 15.63 18.91
CA ALA A 197 -5.28 14.36 19.39
C ALA A 197 -4.17 13.87 18.46
N SER A 198 -3.33 12.98 18.99
CA SER A 198 -2.19 12.47 18.24
C SER A 198 -1.80 11.06 18.66
N LEU A 200 1.54 10.13 17.82
CA LEU A 200 2.98 10.24 17.72
C LEU A 200 3.62 10.36 19.09
N LYS A 201 3.78 9.23 19.77
CA LYS A 201 4.40 9.21 21.09
C LYS A 201 5.91 9.10 21.02
N THR A 202 6.45 8.34 20.09
CA THR A 202 7.88 8.10 19.99
C THR A 202 8.42 8.68 18.69
N VAL A 203 9.59 9.32 18.79
CA VAL A 203 10.28 9.84 17.60
C VAL A 203 11.74 9.96 17.94
N ASP A 204 12.59 9.85 16.90
CA ASP A 204 14.03 9.98 17.06
C ASP A 204 14.66 10.47 15.77
N LEU A 205 14.66 11.78 15.56
CA LEU A 205 15.17 12.32 14.31
C LEU A 205 16.69 12.26 14.26
N HIS A 206 17.23 11.92 13.10
CA HIS A 206 18.67 11.87 12.86
C HIS A 206 19.05 13.06 12.00
N ILE A 207 19.56 14.11 12.63
CA ILE A 207 19.92 15.36 11.96
C ILE A 207 21.34 15.72 12.37
N SER A 208 22.16 16.11 11.40
CA SER A 208 23.52 16.55 11.68
C SER A 208 23.96 17.64 10.72
N ALA B 2 -25.95 23.50 16.44
CA ALA B 2 -24.98 22.69 17.15
C ALA B 2 -24.87 21.29 16.54
N LEU B 3 -24.08 20.43 17.18
CA LEU B 3 -23.88 19.05 16.74
C LEU B 3 -23.24 18.99 15.36
N GLN B 4 -23.89 19.61 14.37
CA GLN B 4 -23.32 19.68 13.02
C GLN B 4 -22.00 20.45 13.01
N ASP B 5 -21.78 21.33 13.98
CA ASP B 5 -20.52 22.07 14.05
C ASP B 5 -19.32 21.17 14.28
N LEU B 6 -19.54 19.94 14.77
CA LEU B 6 -18.44 19.02 15.01
C LEU B 6 -17.91 18.40 13.73
N LEU B 7 -18.66 18.46 12.63
CA LEU B 7 -18.21 17.88 11.38
C LEU B 7 -17.04 18.68 10.79
N ARG B 8 -16.26 18.02 9.95
CA ARG B 8 -15.11 18.65 9.33
C ARG B 8 -15.52 19.42 8.09
N THR B 9 -14.73 20.44 7.77
CA THR B 9 -14.92 21.25 6.57
C THR B 9 -13.88 20.84 5.55
N LEU B 10 -14.34 20.38 4.37
CA LEU B 10 -13.48 19.85 3.34
C LEU B 10 -13.60 20.68 2.08
N LYS B 11 -12.55 20.63 1.24
CA LYS B 11 -12.60 21.27 -0.05
C LYS B 11 -13.73 20.70 -0.90
N SER B 12 -13.80 19.37 -1.00
CA SER B 12 -14.91 18.71 -1.66
C SER B 12 -15.86 18.19 -0.58
N PRO B 13 -17.09 18.69 -0.51
CA PRO B 13 -17.97 18.31 0.59
C PRO B 13 -18.43 16.86 0.45
N SER B 14 -18.69 16.24 1.61
CA SER B 14 -19.25 14.91 1.64
C SER B 14 -20.77 14.98 1.52
N SER B 15 -21.36 13.93 0.95
CA SER B 15 -22.78 13.90 0.73
C SER B 15 -23.53 13.85 2.07
N PRO B 16 -24.78 14.31 2.10
CA PRO B 16 -25.55 14.25 3.36
C PRO B 16 -25.70 12.83 3.90
N GLN B 17 -25.87 11.84 3.01
CA GLN B 17 -25.99 10.46 3.46
C GLN B 17 -24.67 9.92 4.00
N GLN B 18 -23.54 10.44 3.51
CA GLN B 18 -22.26 10.08 4.10
C GLN B 18 -22.12 10.67 5.50
N GLN B 19 -22.53 11.92 5.69
CA GLN B 19 -22.45 12.55 7.00
C GLN B 19 -23.48 11.98 7.96
N GLN B 20 -24.60 11.46 7.44
CA GLN B 20 -25.60 10.84 8.31
C GLN B 20 -25.04 9.63 9.05
N GLN B 21 -24.12 8.89 8.42
CA GLN B 21 -23.49 7.76 9.09
C GLN B 21 -22.60 8.22 10.24
N VAL B 22 -22.05 9.43 10.15
CA VAL B 22 -21.25 9.97 11.25
C VAL B 22 -22.15 10.53 12.34
N LEU B 23 -23.26 11.18 11.96
CA LEU B 23 -24.15 11.77 12.95
C LEU B 23 -24.89 10.71 13.74
N ASN B 24 -25.23 9.57 13.11
CA ASN B 24 -25.93 8.51 13.83
C ASN B 24 -25.06 7.94 14.94
N ILE B 25 -23.75 7.86 14.71
CA ILE B 25 -22.84 7.38 15.75
C ILE B 25 -22.70 8.41 16.85
N LEU B 26 -22.69 9.70 16.49
CA LEU B 26 -22.57 10.75 17.49
C LEU B 26 -23.83 10.84 18.35
N LYS B 27 -25.01 10.69 17.75
CA LYS B 27 -26.25 10.78 18.51
C LYS B 27 -26.45 9.54 19.37
N SER B 28 -26.07 8.36 18.86
CA SER B 28 -26.20 7.13 19.62
C SER B 28 -25.14 6.97 20.70
N ASN B 29 -24.17 7.87 20.77
CA ASN B 29 -23.10 7.80 21.76
C ASN B 29 -22.87 9.17 22.36
N PRO B 30 -23.62 9.53 23.42
CA PRO B 30 -23.34 10.79 24.11
C PRO B 30 -21.99 10.82 24.80
N GLN B 31 -21.42 9.65 25.10
CA GLN B 31 -20.08 9.61 25.66
C GLN B 31 -19.04 10.08 24.65
N LEU B 32 -19.20 9.66 23.39
CA LEU B 32 -18.29 10.12 22.34
C LEU B 32 -18.58 11.57 21.96
N MET B 33 -19.85 11.96 21.94
CA MET B 33 -20.21 13.32 21.57
C MET B 33 -19.70 14.32 22.61
N ALA B 34 -19.72 13.93 23.89
CA ALA B 34 -19.20 14.81 24.93
C ALA B 34 -17.69 14.96 24.86
N ALA B 35 -16.98 13.90 24.45
CA ALA B 35 -15.53 13.99 24.32
C ALA B 35 -15.12 14.89 23.16
N PHE B 36 -15.91 14.91 22.08
CA PHE B 36 -15.62 15.83 20.98
C PHE B 36 -15.82 17.28 21.41
N ILE B 37 -16.82 17.53 22.27
CA ILE B 37 -16.99 18.88 22.80
C ILE B 37 -15.86 19.22 23.77
N LYS B 38 -15.30 18.21 24.45
CA LYS B 38 -14.16 18.45 25.33
C LYS B 38 -12.98 19.03 24.57
N GLN B 39 -12.79 18.64 23.31
CA GLN B 39 -11.69 19.14 22.50
C GLN B 39 -12.00 20.50 21.88
N ARG B 40 -13.25 20.96 21.93
CA ARG B 40 -13.62 22.26 21.38
C ARG B 40 -13.10 23.39 22.24
N GLN C 15 20.70 8.31 -18.57
CA GLN C 15 19.85 8.45 -17.39
C GLN C 15 18.65 7.51 -17.49
N TRP C 16 18.02 7.24 -16.35
CA TRP C 16 16.88 6.33 -16.30
C TRP C 16 15.63 7.06 -15.81
N GLU C 17 14.49 6.61 -16.30
CA GLU C 17 13.20 7.15 -15.87
C GLU C 17 12.80 6.52 -14.54
N PHE C 18 12.42 7.35 -13.57
CA PHE C 18 12.10 6.91 -12.23
C PHE C 18 10.65 7.21 -11.91
N GLU C 19 10.00 6.28 -11.21
CA GLU C 19 8.67 6.49 -10.64
C GLU C 19 8.85 6.78 -9.15
N VAL C 20 8.69 8.04 -8.78
CA VAL C 20 8.92 8.51 -7.41
C VAL C 20 7.59 8.50 -6.67
N THR C 21 7.58 7.97 -5.45
CA THR C 21 6.40 7.95 -4.60
C THR C 21 6.82 8.25 -3.18
N ALA C 22 6.08 9.15 -2.52
CA ALA C 22 6.39 9.57 -1.16
C ALA C 22 5.22 9.23 -0.24
N PHE C 23 5.56 8.82 0.99
CA PHE C 23 4.57 8.44 1.98
C PHE C 23 4.81 9.23 3.26
N TYR C 24 3.78 9.89 3.76
CA TYR C 24 3.82 10.60 5.03
C TYR C 24 2.98 9.82 6.04
N ARG C 25 3.65 9.19 7.00
CA ARG C 25 2.99 8.44 8.07
C ARG C 25 2.03 7.41 7.48
N GLY C 26 2.52 6.64 6.51
CA GLY C 26 1.71 5.61 5.89
C GLY C 26 0.59 6.13 5.00
N ARG C 27 0.79 7.27 4.35
CA ARG C 27 -0.19 7.82 3.41
C ARG C 27 0.54 8.26 2.16
N GLN C 28 0.13 7.74 1.02
CA GLN C 28 0.70 8.16 -0.26
C GLN C 28 0.26 9.59 -0.56
N VAL C 29 1.24 10.51 -0.62
CA VAL C 29 0.97 11.92 -0.83
C VAL C 29 1.55 12.46 -2.13
N PHE C 30 2.26 11.63 -2.89
CA PHE C 30 2.91 12.09 -4.11
C PHE C 30 3.31 10.88 -4.95
N GLN C 31 3.04 10.95 -6.26
CA GLN C 31 3.47 9.90 -7.18
C GLN C 31 3.52 10.48 -8.58
N GLN C 32 4.71 10.55 -9.15
CA GLN C 32 4.89 11.04 -10.52
C GLN C 32 5.99 10.24 -11.19
N THR C 33 5.90 10.11 -12.51
CA THR C 33 6.89 9.41 -13.32
C THR C 33 7.58 10.44 -14.20
N LEU C 34 8.76 10.88 -13.78
CA LEU C 34 9.50 11.93 -14.47
C LEU C 34 10.84 11.43 -14.97
N PHE C 35 11.30 12.05 -16.05
CA PHE C 35 12.57 11.71 -16.70
C PHE C 35 13.47 12.96 -16.62
N CYS C 36 14.37 12.97 -15.63
CA CYS C 36 15.27 14.09 -15.43
C CYS C 36 16.68 13.72 -15.86
N PRO C 37 17.12 14.16 -17.05
CA PRO C 37 18.48 13.81 -17.49
C PRO C 37 19.58 14.50 -16.70
N GLY C 38 19.26 15.57 -15.98
CA GLY C 38 20.21 16.28 -15.16
C GLY C 38 20.32 15.81 -13.73
N GLY C 39 19.65 14.71 -13.39
CA GLY C 39 19.70 14.17 -12.05
C GLY C 39 18.42 14.44 -11.27
N LEU C 40 18.21 13.63 -10.24
CA LEU C 40 17.05 13.76 -9.36
C LEU C 40 17.39 14.63 -8.15
N ARG C 41 16.34 15.20 -7.55
CA ARG C 41 16.51 16.02 -6.36
C ARG C 41 15.19 16.06 -5.61
N LEU C 42 15.16 15.51 -4.41
CA LEU C 42 13.94 15.42 -3.59
C LEU C 42 14.04 16.45 -2.46
N VAL C 43 13.44 17.62 -2.68
CA VAL C 43 13.53 18.73 -1.75
C VAL C 43 12.16 18.96 -1.10
N GLY C 44 12.15 19.87 -0.13
CA GLY C 44 10.94 20.29 0.54
C GLY C 44 10.45 21.63 0.02
N SER C 45 9.72 22.36 0.88
CA SER C 45 9.20 23.66 0.47
C SER C 45 10.32 24.68 0.29
N THR C 46 11.36 24.60 1.12
CA THR C 46 12.51 25.47 0.97
C THR C 46 13.25 25.14 -0.31
N ALA C 47 12.81 25.75 -1.41
CA ALA C 47 13.32 25.37 -2.73
C ALA C 47 14.60 26.14 -3.06
N ASP C 48 15.30 25.64 -4.07
CA ASP C 48 16.54 26.24 -4.55
C ASP C 48 16.88 25.63 -5.90
N MET C 49 17.15 26.47 -6.88
CA MET C 49 17.47 26.01 -8.23
C MET C 49 18.98 25.81 -8.37
N THR C 50 19.38 24.63 -8.82
CA THR C 50 20.79 24.31 -9.01
C THR C 50 20.90 23.29 -10.14
N LEU C 51 21.71 23.61 -11.14
CA LEU C 51 21.93 22.69 -12.26
C LEU C 51 23.41 22.48 -12.52
N GLN C 54 17.42 18.76 -11.67
CA GLN C 54 15.98 18.96 -11.71
C GLN C 54 15.35 18.63 -10.36
N PRO C 55 14.71 19.61 -9.72
CA PRO C 55 14.15 19.40 -8.39
C PRO C 55 12.75 18.81 -8.42
N VAL C 56 12.49 17.92 -7.47
CA VAL C 56 11.18 17.29 -7.29
C VAL C 56 10.67 17.70 -5.92
N THR C 57 9.69 18.60 -5.91
CA THR C 57 9.20 19.18 -4.66
C THR C 57 8.19 18.23 -4.01
N LEU C 58 8.44 17.86 -2.76
CA LEU C 58 7.51 17.06 -1.99
C LEU C 58 6.41 17.95 -1.41
N PRO C 59 5.18 17.45 -1.31
CA PRO C 59 4.06 18.29 -0.91
C PRO C 59 4.09 18.64 0.58
N ASP C 60 3.38 19.70 0.91
CA ASP C 60 3.27 20.12 2.31
C ASP C 60 2.31 19.19 3.04
N PRO C 61 2.64 18.73 4.25
CA PRO C 61 1.75 17.79 4.95
C PRO C 61 0.44 18.39 5.41
N GLU C 62 0.20 19.69 5.19
CA GLU C 62 -1.04 20.31 5.65
C GLU C 62 -2.24 19.79 4.87
N GLY C 63 -2.09 19.63 3.55
CA GLY C 63 -3.20 19.20 2.73
C GLY C 63 -3.33 17.70 2.58
N PHE C 64 -2.69 16.93 3.47
CA PHE C 64 -2.72 15.48 3.39
C PHE C 64 -2.93 14.77 4.72
N LEU C 65 -2.53 15.36 5.85
CA LEU C 65 -2.65 14.72 7.15
C LEU C 65 -3.48 15.58 8.09
N THR C 66 -3.99 14.95 9.14
CA THR C 66 -4.77 15.64 10.17
C THR C 66 -4.13 15.59 11.55
N ASP C 67 -3.13 14.74 11.75
CA ASP C 67 -2.44 14.69 13.03
C ASP C 67 -1.49 15.88 13.13
N LYS C 68 -1.75 16.77 14.10
CA LYS C 68 -0.96 17.98 14.23
C LYS C 68 0.49 17.67 14.55
N LEU C 69 0.73 16.73 15.46
CA LEU C 69 2.10 16.39 15.84
C LEU C 69 2.85 15.73 14.70
N VAL C 70 2.16 14.94 13.87
CA VAL C 70 2.82 14.29 12.74
C VAL C 70 3.15 15.32 11.66
N LYS C 71 2.23 16.25 11.39
CA LYS C 71 2.50 17.28 10.39
C LYS C 71 3.67 18.19 10.82
N GLU C 72 3.81 18.43 12.12
CA GLU C 72 4.92 19.25 12.60
C GLU C 72 6.25 18.53 12.42
N TYR C 73 6.27 17.21 12.60
CA TYR C 73 7.51 16.46 12.48
C TYR C 73 7.85 16.15 11.03
N VAL C 74 6.83 15.90 10.20
CA VAL C 74 7.08 15.75 8.76
C VAL C 74 7.70 17.02 8.19
N GLY C 75 7.17 18.18 8.60
CA GLY C 75 7.76 19.44 8.16
C GLY C 75 9.19 19.61 8.62
N GLN C 76 9.49 19.17 9.86
CA GLN C 76 10.86 19.22 10.34
C GLN C 76 11.76 18.30 9.53
N VAL C 77 11.25 17.14 9.12
CA VAL C 77 12.04 16.25 8.27
C VAL C 77 12.20 16.84 6.87
N LEU C 78 11.14 17.48 6.35
CA LEU C 78 11.25 18.13 5.06
C LEU C 78 12.18 19.34 5.10
N LYS C 79 12.28 20.00 6.26
CA LYS C 79 13.25 21.08 6.41
C LYS C 79 14.67 20.55 6.37
N GLY C 80 14.93 19.43 7.05
CA GLY C 80 16.24 18.83 7.07
C GLY C 80 16.73 18.30 5.73
N LEU C 81 15.84 18.19 4.74
CA LEU C 81 16.28 17.80 3.41
C LEU C 81 17.17 18.86 2.78
N GLY C 82 16.95 20.13 3.13
CA GLY C 82 17.78 21.21 2.61
C GLY C 82 17.69 21.26 1.10
N ASN C 83 18.83 21.12 0.44
CA ASN C 83 18.88 21.04 -1.01
C ASN C 83 18.46 19.66 -1.52
N GLY C 84 18.07 18.75 -0.64
CA GLY C 84 17.40 17.52 -1.06
C GLY C 84 18.34 16.35 -1.24
N LEU C 85 17.73 15.23 -1.64
CA LEU C 85 18.43 13.99 -1.92
C LEU C 85 18.60 13.85 -3.42
N ALA C 86 19.84 13.73 -3.88
CA ALA C 86 20.14 13.58 -5.29
C ALA C 86 20.27 12.10 -5.65
N LEU C 87 19.93 11.77 -6.89
CA LEU C 87 19.96 10.40 -7.36
C LEU C 87 20.18 10.41 -8.87
N TRP C 88 21.10 9.58 -9.34
CA TRP C 88 21.44 9.53 -10.76
C TRP C 88 22.03 8.16 -11.08
N GLN C 89 22.37 7.97 -12.36
CA GLN C 89 22.92 6.72 -12.85
C GLN C 89 24.30 6.97 -13.44
N ALA C 90 25.22 6.05 -13.21
CA ALA C 90 26.58 6.18 -13.73
C ALA C 90 27.24 4.80 -13.73
N GLY C 91 27.67 4.34 -14.90
CA GLY C 91 28.37 3.08 -15.03
C GLY C 91 27.57 1.88 -14.56
N GLN C 92 26.33 1.75 -15.07
CA GLN C 92 25.43 0.66 -14.72
C GLN C 92 25.17 0.60 -13.22
N CYS C 93 25.17 1.75 -12.56
CA CYS C 93 24.94 1.83 -11.12
C CYS C 93 24.15 3.08 -10.80
N LEU C 94 23.36 2.99 -9.73
CA LEU C 94 22.60 4.13 -9.20
C LEU C 94 23.30 4.67 -7.97
N TRP C 95 23.46 5.99 -7.92
CA TRP C 95 24.18 6.67 -6.85
C TRP C 95 23.27 7.70 -6.21
N ALA C 96 23.23 7.72 -4.88
CA ALA C 96 22.36 8.62 -4.13
C ALA C 96 23.19 9.39 -3.11
N GLN C 97 23.04 10.70 -3.11
CA GLN C 97 23.71 11.57 -2.15
C GLN C 97 22.70 12.51 -1.53
N ARG C 98 22.91 12.84 -0.25
CA ARG C 98 22.06 13.79 0.46
C ARG C 98 22.81 15.11 0.63
N LEU C 99 22.10 16.21 0.44
CA LEU C 99 22.68 17.54 0.54
C LEU C 99 22.08 18.36 1.67
N GLY C 100 21.38 17.72 2.61
CA GLY C 100 20.77 18.44 3.71
C GLY C 100 21.20 17.94 5.06
N HIS C 101 20.52 18.38 6.12
CA HIS C 101 20.88 18.02 7.48
C HIS C 101 20.26 16.70 7.94
N SER C 102 19.15 16.29 7.34
CA SER C 102 18.49 15.04 7.74
C SER C 102 19.21 13.85 7.11
N HIS C 103 19.50 12.85 7.93
CA HIS C 103 20.09 11.62 7.43
C HIS C 103 19.06 10.84 6.62
N ALA C 104 19.55 9.82 5.90
CA ALA C 104 18.69 9.00 5.06
C ALA C 104 19.27 7.60 4.96
N PHE C 105 18.40 6.60 5.14
CA PHE C 105 18.78 5.20 5.05
C PHE C 105 17.97 4.54 3.93
N TRP C 106 18.64 3.69 3.15
CA TRP C 106 18.04 3.08 1.98
C TRP C 106 18.12 1.57 2.04
N ALA C 107 17.26 0.92 1.26
CA ALA C 107 17.22 -0.53 1.15
C ALA C 107 16.35 -0.90 -0.03
N LEU C 108 16.52 -2.12 -0.52
CA LEU C 108 15.72 -2.64 -1.61
C LEU C 108 14.54 -3.45 -1.05
N GLY C 109 13.42 -3.40 -1.77
CA GLY C 109 12.26 -4.13 -1.34
C GLY C 109 11.25 -4.25 -2.45
N GLU C 110 9.99 -4.43 -2.05
CA GLU C 110 8.89 -4.51 -2.99
C GLU C 110 8.25 -3.13 -3.19
N GLU C 111 7.36 -3.06 -4.18
CA GLU C 111 6.74 -1.80 -4.55
C GLU C 111 5.75 -1.30 -3.52
N LEU C 112 5.17 -2.19 -2.71
CA LEU C 112 4.18 -1.79 -1.72
C LEU C 112 4.60 -2.11 -0.29
N LEU C 113 5.85 -2.50 -0.08
CA LEU C 113 6.30 -2.88 1.25
C LEU C 113 7.83 -2.89 1.33
N PRO C 114 8.43 -1.98 2.09
CA PRO C 114 9.87 -2.10 2.37
C PRO C 114 10.12 -3.22 3.38
N ASP C 115 11.33 -3.76 3.33
CA ASP C 115 11.70 -4.88 4.18
C ASP C 115 11.98 -4.38 5.59
N SER C 116 11.08 -4.68 6.52
CA SER C 116 11.24 -4.29 7.91
C SER C 116 11.84 -5.38 8.79
N GLY C 117 11.95 -6.61 8.28
CA GLY C 117 12.55 -7.67 9.07
C GLY C 117 14.05 -7.47 9.26
N ARG C 118 14.72 -6.95 8.25
CA ARG C 118 16.15 -6.66 8.30
C ARG C 118 16.37 -5.16 8.33
N GLY C 119 17.60 -4.78 8.66
CA GLY C 119 17.97 -3.38 8.68
C GLY C 119 18.14 -2.82 7.29
N PRO C 120 18.62 -1.59 7.19
CA PRO C 120 18.84 -0.98 5.87
C PRO C 120 20.09 -1.54 5.22
N ASP C 121 20.14 -1.40 3.89
CA ASP C 121 21.31 -1.80 3.13
C ASP C 121 22.45 -0.78 3.22
N GLY C 122 22.28 0.27 4.00
CA GLY C 122 23.30 1.29 4.15
C GLY C 122 22.67 2.64 4.39
N GLU C 123 23.54 3.60 4.73
CA GLU C 123 23.13 4.97 4.94
C GLU C 123 23.53 5.81 3.72
N VAL C 124 22.66 6.74 3.34
CA VAL C 124 22.93 7.60 2.19
C VAL C 124 24.17 8.44 2.49
N HIS C 125 25.17 8.31 1.62
CA HIS C 125 26.44 9.02 1.81
C HIS C 125 26.23 10.53 1.69
N LYS C 126 27.19 11.27 2.22
CA LYS C 126 27.21 12.72 2.13
C LYS C 126 28.12 13.23 1.02
N ASP C 127 28.77 12.32 0.28
CA ASP C 127 29.59 12.67 -0.87
C ASP C 127 28.96 12.07 -2.14
N LYS C 128 29.72 12.07 -3.23
CA LYS C 128 29.23 11.60 -4.51
C LYS C 128 29.24 10.08 -4.66
N ASP C 129 29.74 9.35 -3.66
CA ASP C 129 29.82 7.89 -3.74
C ASP C 129 28.57 7.30 -3.10
N GLY C 130 27.49 7.27 -3.88
CA GLY C 130 26.24 6.71 -3.41
C GLY C 130 26.18 5.20 -3.48
N ALA C 131 26.07 4.68 -4.71
CA ALA C 131 26.07 3.24 -4.97
C ALA C 131 24.93 2.53 -4.23
N VAL C 132 23.70 2.93 -4.57
CA VAL C 132 22.52 2.30 -3.98
C VAL C 132 21.97 1.17 -4.83
N PHE C 133 22.45 0.99 -6.05
CA PHE C 133 21.98 -0.09 -6.91
C PHE C 133 23.06 -0.38 -7.95
N ASP C 134 23.23 -1.66 -8.26
CA ASP C 134 24.16 -2.11 -9.28
C ASP C 134 23.41 -3.00 -10.26
N LEU C 135 23.62 -2.76 -11.56
CA LEU C 135 22.89 -3.50 -12.58
C LEU C 135 23.41 -4.93 -12.73
N ARG C 136 24.68 -5.17 -12.42
CA ARG C 136 25.24 -6.51 -12.60
C ARG C 136 24.57 -7.57 -11.73
N PRO C 137 24.33 -7.34 -10.43
CA PRO C 137 23.57 -8.35 -9.67
C PRO C 137 22.14 -8.47 -10.13
N PHE C 138 21.54 -7.42 -10.68
CA PHE C 138 20.17 -7.51 -11.17
C PHE C 138 20.07 -8.43 -12.38
N VAL C 139 21.04 -8.34 -13.30
CA VAL C 139 21.01 -9.19 -14.48
C VAL C 139 21.27 -10.64 -14.11
N ALA C 140 22.21 -10.87 -13.19
CA ALA C 140 22.52 -12.24 -12.78
C ALA C 140 21.33 -12.88 -12.07
N ASP C 141 20.62 -12.11 -11.25
CA ASP C 141 19.44 -12.64 -10.59
C ASP C 141 18.29 -12.81 -11.56
N LEU C 142 18.20 -11.95 -12.57
CA LEU C 142 17.11 -12.07 -13.55
C LEU C 142 17.31 -13.29 -14.45
N ILE C 143 18.56 -13.59 -14.82
CA ILE C 143 18.83 -14.77 -15.63
C ILE C 143 18.48 -16.04 -14.87
N ALA C 144 18.86 -16.10 -13.59
CA ALA C 144 18.47 -17.24 -12.77
C ALA C 144 16.96 -17.31 -12.58
N PHE C 145 16.29 -16.16 -12.52
CA PHE C 145 14.84 -16.13 -12.40
C PHE C 145 14.18 -16.75 -13.62
N MET C 146 14.74 -16.52 -14.81
CA MET C 146 14.21 -17.13 -16.02
C MET C 146 14.64 -18.57 -16.17
N GLU C 147 15.79 -18.95 -15.60
CA GLU C 147 16.22 -20.33 -15.62
C GLU C 147 15.41 -21.21 -14.67
N GLY C 148 14.65 -20.61 -13.75
CA GLY C 148 13.76 -21.37 -12.89
C GLY C 148 14.07 -21.27 -11.41
N SER C 149 14.89 -20.30 -11.02
CA SER C 149 15.26 -20.15 -9.61
C SER C 149 14.08 -19.79 -8.73
N GLY C 150 13.04 -19.17 -9.29
CA GLY C 150 11.88 -18.79 -8.52
C GLY C 150 12.04 -17.55 -7.67
N HIS C 151 13.13 -16.81 -7.82
CA HIS C 151 13.38 -15.59 -7.08
C HIS C 151 13.56 -14.44 -8.07
N SER C 152 12.63 -13.49 -8.05
CA SER C 152 12.73 -12.36 -8.95
C SER C 152 13.64 -11.28 -8.35
N PRO C 153 14.47 -10.63 -9.18
CA PRO C 153 15.36 -9.60 -8.65
C PRO C 153 14.59 -8.37 -8.23
N ARG C 154 14.91 -7.85 -7.05
CA ARG C 154 14.27 -6.66 -6.54
C ARG C 154 14.84 -5.41 -7.19
N TYR C 155 13.99 -4.39 -7.34
CA TYR C 155 14.37 -3.17 -8.04
C TYR C 155 13.79 -1.91 -7.41
N THR C 156 13.03 -2.03 -6.32
CA THR C 156 12.39 -0.88 -5.70
C THR C 156 13.28 -0.33 -4.58
N LEU C 157 13.73 0.91 -4.74
CA LEU C 157 14.55 1.58 -3.75
C LEU C 157 13.67 2.35 -2.77
N TRP C 158 13.86 2.11 -1.48
CA TRP C 158 13.15 2.81 -0.43
C TRP C 158 14.11 3.72 0.32
N PHE C 159 13.65 4.92 0.64
CA PHE C 159 14.45 5.91 1.37
C PHE C 159 13.68 6.34 2.62
N CYS C 160 14.31 6.19 3.78
CA CYS C 160 13.75 6.65 5.05
C CYS C 160 14.42 7.96 5.42
N MET C 161 13.63 9.03 5.45
CA MET C 161 14.16 10.38 5.65
C MET C 161 14.12 10.78 7.12
N GLY C 162 15.23 11.29 7.62
CA GLY C 162 15.29 11.87 8.94
C GLY C 162 15.05 10.93 10.10
N GLU C 163 14.94 9.62 9.86
CA GLU C 163 14.74 8.66 10.93
C GLU C 163 15.55 7.41 10.65
N MET C 164 15.71 6.59 11.68
CA MET C 164 16.31 5.27 11.52
C MET C 164 15.41 4.40 10.66
N TRP C 165 16.00 3.38 10.05
CA TRP C 165 15.23 2.48 9.21
C TRP C 165 14.22 1.71 10.05
N PRO C 166 12.97 1.59 9.60
CA PRO C 166 11.96 0.89 10.41
C PRO C 166 12.22 -0.61 10.49
N GLN C 167 13.04 -1.01 11.46
CA GLN C 167 13.36 -2.42 11.67
C GLN C 167 12.53 -2.96 12.82
N ASP C 168 11.85 -4.08 12.57
CA ASP C 168 10.99 -4.74 13.56
C ASP C 168 9.89 -3.80 14.05
N GLN C 169 9.37 -2.98 13.15
CA GLN C 169 8.27 -2.08 13.45
C GLN C 169 7.61 -1.68 12.14
N PRO C 170 6.32 -1.35 12.16
CA PRO C 170 5.62 -1.05 10.89
C PRO C 170 6.20 0.17 10.21
N TRP C 171 6.46 0.03 8.89
CA TRP C 171 7.05 1.11 8.13
C TRP C 171 6.10 2.29 7.95
N VAL C 172 4.80 2.08 8.15
CA VAL C 172 3.83 3.17 8.01
C VAL C 172 3.90 4.17 9.14
N LYS C 173 4.62 3.86 10.21
CA LYS C 173 4.80 4.82 11.31
C LYS C 173 5.94 5.80 11.06
N ARG C 174 6.78 5.55 10.07
CA ARG C 174 7.84 6.49 9.74
C ARG C 174 7.26 7.77 9.13
N LEU C 175 7.96 8.88 9.37
CA LEU C 175 7.43 10.18 8.97
C LEU C 175 7.45 10.36 7.47
N VAL C 176 8.60 10.12 6.83
CA VAL C 176 8.77 10.34 5.40
C VAL C 176 9.45 9.11 4.82
N MET C 177 8.73 8.39 3.96
CA MET C 177 9.26 7.25 3.22
C MET C 177 9.08 7.51 1.73
N VAL C 178 10.17 7.42 0.98
CA VAL C 178 10.17 7.68 -0.46
C VAL C 178 10.50 6.38 -1.19
N LYS C 179 9.70 6.07 -2.20
CA LYS C 179 9.92 4.90 -3.05
C LYS C 179 10.34 5.36 -4.44
N VAL C 180 11.42 4.79 -4.94
CA VAL C 180 11.94 5.08 -6.28
C VAL C 180 12.01 3.78 -7.05
N VAL C 181 11.33 3.74 -8.20
CA VAL C 181 11.27 2.53 -9.02
C VAL C 181 11.76 2.85 -10.43
N PRO C 182 12.92 2.32 -10.85
CA PRO C 182 13.34 2.49 -12.25
C PRO C 182 12.38 1.77 -13.18
N THR C 183 11.73 2.53 -14.06
CA THR C 183 10.71 1.96 -14.93
C THR C 183 11.29 0.94 -15.91
N CYS C 184 12.54 1.12 -16.33
CA CYS C 184 13.15 0.18 -17.27
C CYS C 184 13.39 -1.17 -16.61
N LEU C 185 13.78 -1.18 -15.33
CA LEU C 185 13.98 -2.42 -14.61
C LEU C 185 12.65 -3.10 -14.30
N LYS C 186 11.59 -2.32 -14.08
CA LYS C 186 10.28 -2.90 -13.83
C LYS C 186 9.77 -3.65 -15.05
N GLU C 187 9.92 -3.06 -16.24
CA GLU C 187 9.48 -3.72 -17.46
C GLU C 187 10.34 -4.94 -17.77
N LEU C 188 11.63 -4.89 -17.44
CA LEU C 188 12.50 -6.03 -17.74
C LEU C 188 12.13 -7.25 -16.91
N LEU C 189 11.50 -7.05 -15.75
CA LEU C 189 10.99 -8.17 -14.97
C LEU C 189 9.65 -8.65 -15.50
N GLU C 190 8.81 -7.73 -15.99
CA GLU C 190 7.52 -8.13 -16.57
C GLU C 190 7.71 -8.97 -17.82
N MET C 191 8.77 -8.71 -18.59
CA MET C 191 9.06 -9.53 -19.77
C MET C 191 9.45 -10.94 -19.38
N ALA C 192 10.12 -11.12 -18.24
CA ALA C 192 10.48 -12.45 -17.78
C ALA C 192 9.26 -13.22 -17.31
N ARG C 193 8.36 -12.57 -16.58
CA ARG C 193 7.14 -13.24 -16.13
C ARG C 193 6.22 -13.55 -17.30
N GLU C 194 6.18 -12.68 -18.32
CA GLU C 194 5.40 -12.96 -19.51
C GLU C 194 5.96 -14.12 -20.31
N GLY C 195 7.24 -14.44 -20.12
CA GLY C 195 7.89 -15.53 -20.81
C GLY C 195 7.84 -16.87 -20.10
N GLY C 196 7.22 -16.94 -18.93
CA GLY C 196 7.06 -18.19 -18.21
C GLY C 196 7.73 -18.23 -16.85
N ALA C 197 8.62 -17.30 -16.53
CA ALA C 197 9.30 -17.32 -15.24
C ALA C 197 8.36 -16.89 -14.14
N SER C 198 8.40 -17.62 -13.02
CA SER C 198 7.51 -17.36 -11.89
C SER C 198 8.26 -17.33 -10.56
N LEU C 200 6.16 -17.89 -7.64
CA LEU C 200 5.23 -18.61 -6.79
C LEU C 200 5.72 -20.04 -6.54
N LYS C 201 6.60 -20.20 -5.54
CA LYS C 201 7.16 -21.50 -5.22
C LYS C 201 6.52 -22.14 -3.99
N THR C 202 5.70 -21.40 -3.25
CA THR C 202 5.03 -21.94 -2.06
C THR C 202 3.65 -21.32 -1.94
N VAL C 203 2.63 -22.17 -1.77
CA VAL C 203 1.26 -21.73 -1.55
C VAL C 203 0.46 -22.87 -0.93
N ASP C 204 -0.19 -22.61 0.19
CA ASP C 204 -1.05 -23.57 0.87
C ASP C 204 -2.48 -23.06 0.75
N LEU C 205 -3.14 -23.45 -0.33
CA LEU C 205 -4.48 -22.95 -0.63
C LEU C 205 -5.49 -23.54 0.35
N HIS C 206 -6.07 -22.68 1.18
CA HIS C 206 -7.08 -23.12 2.16
C HIS C 206 -8.45 -23.06 1.51
N ILE C 207 -8.72 -24.06 0.67
CA ILE C 207 -10.01 -24.22 0.03
C ILE C 207 -10.50 -25.65 0.27
N SER C 208 -11.77 -25.80 0.60
CA SER C 208 -12.38 -27.10 0.85
C SER C 208 -13.87 -26.90 1.05
N ASN C 209 -14.60 -28.02 1.09
CA ASN C 209 -16.04 -27.96 1.36
C ASN C 209 -16.30 -27.67 2.84
N SER C 210 -15.64 -28.41 3.73
CA SER C 210 -15.81 -28.22 5.17
C SER C 210 -14.84 -27.17 5.69
N LEU D 3 15.33 -6.50 -30.94
CA LEU D 3 15.00 -5.45 -31.91
C LEU D 3 13.49 -5.23 -31.96
N GLN D 4 12.93 -4.82 -30.82
CA GLN D 4 11.51 -4.53 -30.65
C GLN D 4 10.62 -5.73 -30.94
N ASP D 5 11.19 -6.91 -31.20
CA ASP D 5 10.42 -8.12 -31.39
C ASP D 5 10.20 -8.86 -30.08
N LEU D 6 11.25 -9.01 -29.28
CA LEU D 6 11.18 -9.64 -27.97
C LEU D 6 10.55 -8.74 -26.92
N LEU D 7 10.15 -7.52 -27.32
CA LEU D 7 9.50 -6.59 -26.43
C LEU D 7 7.99 -6.79 -26.49
N ARG D 8 7.35 -6.74 -25.32
CA ARG D 8 5.90 -6.92 -25.23
C ARG D 8 5.17 -5.83 -25.99
N THR D 9 3.96 -6.16 -26.43
CA THR D 9 3.08 -5.21 -27.11
C THR D 9 2.02 -4.76 -26.10
N LEU D 10 2.23 -3.60 -25.50
CA LEU D 10 1.36 -3.07 -24.46
C LEU D 10 0.59 -1.87 -25.00
N LYS D 11 -0.43 -2.16 -25.80
CA LYS D 11 -1.29 -1.14 -26.41
C LYS D 11 -0.49 -0.07 -27.13
N SER D 15 6.11 5.66 -22.82
CA SER D 15 7.45 6.03 -22.39
C SER D 15 8.51 5.54 -23.38
N PRO D 16 8.85 6.39 -24.35
CA PRO D 16 9.85 5.97 -25.34
C PRO D 16 11.23 5.76 -24.74
N GLN D 17 11.61 6.54 -23.73
CA GLN D 17 12.91 6.35 -23.10
C GLN D 17 12.99 5.02 -22.37
N GLN D 18 11.87 4.55 -21.81
CA GLN D 18 11.87 3.24 -21.17
C GLN D 18 12.14 2.13 -22.18
N GLN D 19 11.62 2.28 -23.40
CA GLN D 19 11.81 1.25 -24.42
C GLN D 19 13.27 1.15 -24.83
N GLN D 20 13.91 2.29 -25.12
CA GLN D 20 15.30 2.27 -25.56
C GLN D 20 16.24 1.87 -24.43
N GLN D 21 15.89 2.20 -23.19
CA GLN D 21 16.73 1.80 -22.06
C GLN D 21 16.59 0.31 -21.77
N VAL D 22 15.46 -0.30 -22.12
CA VAL D 22 15.34 -1.75 -22.04
C VAL D 22 16.21 -2.40 -23.12
N LEU D 23 16.19 -1.83 -24.34
CA LEU D 23 17.00 -2.36 -25.42
C LEU D 23 18.50 -2.21 -25.13
N ASN D 24 18.89 -1.13 -24.45
CA ASN D 24 20.30 -0.93 -24.15
C ASN D 24 20.82 -1.98 -23.17
N ILE D 25 20.00 -2.35 -22.19
CA ILE D 25 20.41 -3.41 -21.26
C ILE D 25 20.40 -4.77 -21.96
N LEU D 26 19.49 -4.96 -22.91
CA LEU D 26 19.46 -6.23 -23.65
C LEU D 26 20.72 -6.43 -24.47
N LYS D 27 21.14 -5.38 -25.19
CA LYS D 27 22.32 -5.51 -26.05
C LYS D 27 23.61 -5.48 -25.23
N SER D 28 23.60 -4.85 -24.06
CA SER D 28 24.79 -4.81 -23.21
C SER D 28 25.06 -6.14 -22.52
N ASN D 29 24.05 -6.98 -22.36
CA ASN D 29 24.20 -8.30 -21.72
C ASN D 29 23.70 -9.36 -22.67
N PRO D 30 24.58 -10.00 -23.45
CA PRO D 30 24.12 -11.07 -24.35
C PRO D 30 23.58 -12.28 -23.63
N GLN D 31 24.00 -12.53 -22.38
CA GLN D 31 23.43 -13.62 -21.62
C GLN D 31 21.96 -13.39 -21.32
N LEU D 32 21.55 -12.12 -21.18
CA LEU D 32 20.14 -11.81 -21.02
C LEU D 32 19.36 -12.09 -22.30
N MET D 33 20.00 -11.91 -23.47
CA MET D 33 19.36 -12.25 -24.73
C MET D 33 19.15 -13.76 -24.85
N ALA D 34 20.17 -14.54 -24.48
CA ALA D 34 20.06 -15.99 -24.60
C ALA D 34 19.01 -16.57 -23.67
N ALA D 35 18.82 -15.98 -22.49
CA ALA D 35 17.80 -16.45 -21.57
C ALA D 35 16.41 -16.00 -22.00
N PHE D 36 16.29 -14.81 -22.57
CA PHE D 36 14.99 -14.34 -23.07
C PHE D 36 14.56 -15.13 -24.30
N ILE D 37 15.49 -15.45 -25.19
CA ILE D 37 15.15 -16.24 -26.38
C ILE D 37 14.81 -17.67 -25.98
N LYS D 38 15.47 -18.20 -24.96
CA LYS D 38 15.24 -19.58 -24.54
C LYS D 38 13.83 -19.81 -24.02
N GLN D 39 13.14 -18.76 -23.59
CA GLN D 39 11.80 -18.92 -23.03
C GLN D 39 10.79 -19.24 -24.12
N ARG D 40 10.78 -18.47 -25.21
CA ARG D 40 9.77 -18.65 -26.25
C ARG D 40 10.15 -19.75 -27.25
N THR D 41 11.45 -19.98 -27.45
CA THR D 41 11.85 -21.01 -28.39
C THR D 41 11.59 -22.40 -27.84
N ALA D 42 11.81 -22.61 -26.54
CA ALA D 42 11.58 -23.91 -25.92
C ALA D 42 10.08 -24.14 -25.71
#